data_1A6A
#
_entry.id   1A6A
#
_cell.length_a   78.450
_cell.length_b   78.450
_cell.length_c   159.100
_cell.angle_alpha   90.00
_cell.angle_beta   90.00
_cell.angle_gamma   120.00
#
_symmetry.space_group_name_H-M   'P 32 1 2'
#
loop_
_entity.id
_entity.type
_entity.pdbx_description
1 polymer 'HLA class II histocompatibility antigen, DR alpha chain'
2 polymer 'HLA class II histocompatibility antigen, DR-1 beta chain'
3 polymer 'HLA class II histocompatibility antigen, gamma chain'
4 non-polymer 2-acetamido-2-deoxy-beta-D-glucopyranose
5 water water
#
loop_
_entity_poly.entity_id
_entity_poly.type
_entity_poly.pdbx_seq_one_letter_code
_entity_poly.pdbx_strand_id
1 'polypeptide(L)'
;HVIIQAEFYLNPDQSGEFMFDFDGDEIFHVDMAKKETVWRLEEFGRFASFEAQGALANIAVDKANLEIMTKRSNYTPITN
VPPEVTVLTNSPVELREPNVLICFIDKFTPPVVNVTWLRNGKPVTTGVSETVFLPREDHLFRKFHYLPFLPSTEDVYDCR
VEHWGLDEPLLKHWEF
;
A
2 'polypeptide(L)'
;PRFLEYSTSECHFFNGTERVRYLDRYFHNQEENVRFDSDVGEFRAVTELGRPDAEYWNSQKDLLEQKRGRVDNYCRHNYG
VVESFTVQRRVHPKVTVYPSKTQPLQHHNLLVCSVSGFYPGSIEVRWFRNGQEEKTGVVSTGLIHNGDWTFQTLVMLETV
PRSGEVYTCQVEHPSVTSPLTVEWRAR
;
B
3 'polypeptide(L)' PVSKMRMATPLLMQA C
#
loop_
_chem_comp.id
_chem_comp.type
_chem_comp.name
_chem_comp.formula
NAG D-saccharide, beta linking 2-acetamido-2-deoxy-beta-D-glucopyranose 'C8 H15 N O6'
#
# COMPACT_ATOMS: atom_id res chain seq x y z
N HIS A 1 -13.37 -4.86 -4.61
CA HIS A 1 -12.86 -3.55 -4.28
C HIS A 1 -13.16 -3.08 -2.86
N VAL A 2 -12.18 -2.44 -2.22
CA VAL A 2 -12.34 -1.92 -0.84
C VAL A 2 -11.70 -0.54 -0.74
N ILE A 3 -12.51 0.42 -0.32
CA ILE A 3 -12.02 1.80 -0.16
C ILE A 3 -11.99 1.98 1.37
N ILE A 4 -10.84 2.43 1.88
CA ILE A 4 -10.66 2.62 3.31
C ILE A 4 -10.10 3.98 3.63
N GLN A 5 -10.74 4.69 4.55
CA GLN A 5 -10.29 6.01 4.98
C GLN A 5 -9.58 5.81 6.29
N ALA A 6 -8.28 6.04 6.30
CA ALA A 6 -7.43 5.86 7.48
C ALA A 6 -6.85 7.16 8.02
N GLU A 7 -6.77 7.27 9.32
CA GLU A 7 -6.25 8.46 9.96
C GLU A 7 -5.77 8.04 11.35
N PHE A 8 -4.71 8.72 11.80
CA PHE A 8 -4.10 8.45 13.11
C PHE A 8 -3.38 9.67 13.65
N TYR A 9 -3.14 9.65 14.96
CA TYR A 9 -2.41 10.71 15.67
C TYR A 9 -1.49 10.04 16.69
N LEU A 10 -0.19 10.23 16.50
CA LEU A 10 0.81 9.66 17.39
C LEU A 10 1.12 10.68 18.48
N ASN A 11 0.60 10.40 19.67
CA ASN A 11 0.68 11.29 20.82
C ASN A 11 1.95 11.99 21.18
N PRO A 12 3.08 11.27 21.29
CA PRO A 12 4.37 11.92 21.67
C PRO A 12 4.87 12.94 20.67
N ASP A 13 4.97 12.46 19.44
CA ASP A 13 5.45 13.20 18.29
C ASP A 13 4.43 14.19 17.73
N GLN A 14 3.21 14.11 18.23
CA GLN A 14 2.12 15.00 17.81
C GLN A 14 1.96 14.96 16.33
N SER A 15 2.30 13.82 15.75
CA SER A 15 2.16 13.61 14.31
C SER A 15 0.80 12.98 14.00
N GLY A 16 0.22 13.30 12.84
CA GLY A 16 -1.08 12.73 12.51
C GLY A 16 -1.12 12.40 11.05
N GLU A 17 -2.20 11.79 10.59
CA GLU A 17 -2.32 11.48 9.18
C GLU A 17 -3.74 11.16 8.78
N PHE A 18 -4.14 11.66 7.61
CA PHE A 18 -5.48 11.44 7.03
C PHE A 18 -5.22 10.93 5.62
N MET A 19 -5.90 9.86 5.22
CA MET A 19 -5.70 9.30 3.92
C MET A 19 -6.82 8.35 3.52
N PHE A 20 -6.94 8.15 2.21
CA PHE A 20 -7.93 7.25 1.64
C PHE A 20 -7.10 6.18 0.91
N ASP A 21 -7.60 4.94 0.90
CA ASP A 21 -6.88 3.83 0.29
C ASP A 21 -7.87 2.96 -0.52
N PHE A 22 -7.42 2.48 -1.67
CA PHE A 22 -8.23 1.63 -2.55
C PHE A 22 -7.36 0.43 -2.89
N ASP A 23 -7.84 -0.76 -2.52
CA ASP A 23 -7.12 -1.99 -2.76
C ASP A 23 -5.61 -1.96 -2.48
N GLY A 24 -5.22 -1.27 -1.42
CA GLY A 24 -3.81 -1.23 -1.08
C GLY A 24 -3.09 -0.14 -1.72
N ASP A 25 -3.85 0.79 -2.29
CA ASP A 25 -3.28 1.96 -2.95
C ASP A 25 -3.86 3.32 -2.48
N GLU A 26 -2.97 4.23 -2.15
CA GLU A 26 -3.34 5.53 -1.67
C GLU A 26 -4.03 6.29 -2.75
N ILE A 27 -5.22 6.84 -2.45
CA ILE A 27 -5.96 7.66 -3.43
C ILE A 27 -5.38 9.03 -3.27
N PHE A 28 -5.17 9.41 -2.02
CA PHE A 28 -4.58 10.71 -1.71
C PHE A 28 -4.28 10.76 -0.22
N HIS A 29 -3.81 11.91 0.24
CA HIS A 29 -3.52 12.13 1.65
C HIS A 29 -3.56 13.66 1.85
N VAL A 30 -4.11 14.11 2.96
CA VAL A 30 -4.17 15.53 3.24
C VAL A 30 -2.90 16.02 3.91
N ASP A 31 -2.31 17.05 3.34
CA ASP A 31 -1.09 17.64 3.88
C ASP A 31 -1.50 18.59 5.00
N MET A 32 -1.32 18.13 6.22
CA MET A 32 -1.66 18.89 7.41
C MET A 32 -1.14 20.36 7.39
N ALA A 33 0.16 20.53 7.19
CA ALA A 33 0.78 21.85 7.16
C ALA A 33 0.16 22.83 6.18
N LYS A 34 -0.09 22.38 4.96
CA LYS A 34 -0.65 23.23 3.92
C LYS A 34 -2.16 23.09 3.72
N LYS A 35 -2.76 22.21 4.49
CA LYS A 35 -4.20 21.99 4.39
C LYS A 35 -4.63 21.65 2.98
N GLU A 36 -3.72 21.10 2.17
CA GLU A 36 -4.08 20.74 0.81
C GLU A 36 -4.03 19.25 0.55
N THR A 37 -5.03 18.74 -0.15
CA THR A 37 -5.11 17.34 -0.51
C THR A 37 -3.99 16.99 -1.48
N VAL A 38 -3.18 15.98 -1.13
CA VAL A 38 -2.08 15.54 -1.98
C VAL A 38 -2.35 14.22 -2.63
N TRP A 39 -2.95 14.24 -3.83
CA TRP A 39 -3.31 13.01 -4.57
C TRP A 39 -2.08 12.11 -4.90
N ARG A 40 -2.30 10.79 -4.91
CA ARG A 40 -1.20 9.90 -5.22
C ARG A 40 -0.80 10.15 -6.65
N LEU A 41 -1.82 10.15 -7.52
CA LEU A 41 -1.65 10.41 -8.93
C LEU A 41 -2.35 11.74 -9.32
N GLU A 42 -1.62 12.62 -10.00
CA GLU A 42 -2.12 13.90 -10.44
C GLU A 42 -3.44 13.80 -11.23
N GLU A 43 -3.57 12.79 -12.07
CA GLU A 43 -4.80 12.58 -12.84
C GLU A 43 -6.04 12.48 -11.94
N PHE A 44 -5.83 12.14 -10.67
CA PHE A 44 -6.92 11.97 -9.72
C PHE A 44 -7.60 13.28 -9.39
N GLY A 45 -6.78 14.33 -9.20
CA GLY A 45 -7.30 15.64 -8.89
C GLY A 45 -8.27 16.07 -10.01
N ARG A 46 -7.95 15.68 -11.25
CA ARG A 46 -8.75 16.05 -12.39
C ARG A 46 -10.11 15.39 -12.47
N PHE A 47 -10.28 14.28 -11.79
CA PHE A 47 -11.58 13.62 -11.87
C PHE A 47 -12.46 13.79 -10.60
N ALA A 48 -11.81 14.04 -9.46
CA ALA A 48 -12.54 14.21 -8.22
C ALA A 48 -11.88 15.23 -7.34
N SER A 49 -12.57 15.59 -6.28
CA SER A 49 -12.06 16.60 -5.34
C SER A 49 -12.42 16.23 -3.92
N PHE A 50 -11.56 16.63 -2.99
CA PHE A 50 -11.78 16.36 -1.59
C PHE A 50 -11.42 17.61 -0.80
N GLU A 51 -12.22 17.90 0.24
CA GLU A 51 -12.00 19.04 1.11
C GLU A 51 -11.02 18.76 2.27
N ALA A 52 -9.76 19.11 2.05
CA ALA A 52 -8.68 18.91 2.98
C ALA A 52 -8.91 19.43 4.38
N GLN A 53 -9.61 20.55 4.49
CA GLN A 53 -9.90 21.19 5.81
C GLN A 53 -10.70 20.28 6.78
N GLY A 54 -11.51 19.37 6.23
CA GLY A 54 -12.24 18.44 7.05
C GLY A 54 -11.30 17.43 7.72
N ALA A 55 -10.17 17.12 7.06
CA ALA A 55 -9.19 16.21 7.60
C ALA A 55 -8.65 16.69 8.93
N LEU A 56 -8.28 17.96 8.95
CA LEU A 56 -7.73 18.62 10.13
C LEU A 56 -8.80 18.70 11.20
N ALA A 57 -10.06 18.65 10.79
CA ALA A 57 -11.15 18.67 11.74
C ALA A 57 -11.13 17.33 12.45
N ASN A 58 -11.13 16.24 11.66
CA ASN A 58 -11.10 14.82 12.13
C ASN A 58 -9.90 14.51 13.09
N ILE A 59 -8.68 14.83 12.67
CA ILE A 59 -7.51 14.63 13.49
C ILE A 59 -7.71 15.23 14.87
N ALA A 60 -8.51 16.28 14.96
CA ALA A 60 -8.80 16.92 16.25
C ALA A 60 -9.57 15.92 17.10
N VAL A 61 -10.52 15.21 16.49
CA VAL A 61 -11.26 14.17 17.20
C VAL A 61 -10.25 13.04 17.60
N ASP A 62 -9.38 12.60 16.68
CA ASP A 62 -8.41 11.53 16.97
C ASP A 62 -7.59 11.91 18.15
N LYS A 63 -6.92 13.04 18.08
CA LYS A 63 -6.07 13.53 19.18
C LYS A 63 -6.80 13.42 20.52
N ALA A 64 -8.07 13.79 20.50
CA ALA A 64 -8.92 13.75 21.66
C ALA A 64 -9.08 12.32 22.11
N ASN A 65 -9.68 11.48 21.26
CA ASN A 65 -9.89 10.06 21.57
C ASN A 65 -8.55 9.39 21.99
N LEU A 66 -7.45 9.97 21.55
CA LEU A 66 -6.14 9.47 21.85
C LEU A 66 -5.84 9.73 23.29
N GLU A 67 -5.92 11.00 23.69
CA GLU A 67 -5.68 11.43 25.09
C GLU A 67 -6.63 10.69 26.06
N ILE A 68 -7.85 10.43 25.62
CA ILE A 68 -8.79 9.73 26.44
C ILE A 68 -8.26 8.31 26.68
N MET A 69 -8.23 7.49 25.63
CA MET A 69 -7.74 6.11 25.72
C MET A 69 -6.36 5.97 26.40
N THR A 70 -5.41 6.83 26.10
CA THR A 70 -4.11 6.75 26.71
C THR A 70 -4.31 6.68 28.22
N LYS A 71 -5.24 7.46 28.75
CA LYS A 71 -5.51 7.48 30.18
C LYS A 71 -6.34 6.26 30.52
N ARG A 72 -7.41 6.04 29.77
CA ARG A 72 -8.28 4.89 30.04
C ARG A 72 -7.56 3.54 29.99
N SER A 73 -6.36 3.52 29.45
CA SER A 73 -5.57 2.31 29.36
C SER A 73 -4.32 2.45 30.24
N ASN A 74 -4.43 3.29 31.25
CA ASN A 74 -3.33 3.53 32.16
C ASN A 74 -1.96 3.72 31.54
N TYR A 75 -1.89 4.55 30.50
CA TYR A 75 -0.65 4.91 29.80
C TYR A 75 0.25 3.76 29.28
N THR A 76 -0.35 2.73 28.67
CA THR A 76 0.42 1.61 28.15
C THR A 76 1.04 2.06 26.83
N PRO A 77 2.34 1.88 26.69
CA PRO A 77 3.04 2.28 25.47
C PRO A 77 2.82 1.24 24.38
N ILE A 78 2.96 1.65 23.13
CA ILE A 78 2.77 0.72 22.03
C ILE A 78 4.05 -0.11 21.86
N THR A 79 3.89 -1.38 21.49
CA THR A 79 5.04 -2.24 21.26
C THR A 79 5.65 -2.00 19.87
N ASN A 80 6.87 -1.50 19.84
CA ASN A 80 7.50 -1.20 18.59
C ASN A 80 7.72 -2.44 17.79
N VAL A 81 7.07 -2.58 16.65
CA VAL A 81 7.28 -3.74 15.78
C VAL A 81 8.21 -3.34 14.64
N PRO A 82 9.44 -3.90 14.57
CA PRO A 82 10.44 -3.57 13.54
C PRO A 82 9.98 -3.80 12.14
N PRO A 83 10.45 -2.97 11.20
CA PRO A 83 10.15 -2.95 9.76
C PRO A 83 10.92 -3.95 8.90
N GLU A 84 10.35 -4.31 7.76
CA GLU A 84 10.97 -5.23 6.83
C GLU A 84 11.40 -4.49 5.61
N VAL A 85 12.55 -3.83 5.67
CA VAL A 85 13.08 -3.07 4.51
C VAL A 85 13.34 -3.98 3.27
N THR A 86 13.23 -3.44 2.07
CA THR A 86 13.44 -4.22 0.88
C THR A 86 13.65 -3.24 -0.27
N VAL A 87 14.84 -3.32 -0.85
CA VAL A 87 15.20 -2.45 -1.97
C VAL A 87 15.05 -3.23 -3.24
N LEU A 88 14.25 -2.68 -4.16
CA LEU A 88 14.02 -3.33 -5.45
C LEU A 88 14.10 -2.26 -6.58
N THR A 89 13.69 -2.61 -7.78
CA THR A 89 13.71 -1.65 -8.86
C THR A 89 12.34 -1.57 -9.57
N ASN A 90 12.00 -0.38 -10.02
CA ASN A 90 10.76 -0.13 -10.70
C ASN A 90 10.58 -1.14 -11.81
N SER A 91 11.68 -1.47 -12.47
CA SER A 91 11.66 -2.42 -13.60
C SER A 91 13.09 -2.93 -13.82
N PRO A 92 13.27 -3.91 -14.71
CA PRO A 92 14.60 -4.44 -14.95
C PRO A 92 15.66 -3.43 -15.35
N VAL A 93 16.88 -3.63 -14.85
CA VAL A 93 18.03 -2.75 -15.14
C VAL A 93 18.69 -2.97 -16.50
N GLU A 94 18.89 -1.86 -17.21
CA GLU A 94 19.55 -1.85 -18.51
C GLU A 94 20.38 -0.58 -18.43
N LEU A 95 21.68 -0.68 -18.72
CA LEU A 95 22.62 0.46 -18.61
C LEU A 95 22.31 1.82 -19.26
N ARG A 96 21.56 1.84 -20.34
CA ARG A 96 21.22 3.12 -20.97
C ARG A 96 20.00 3.74 -20.31
N GLU A 97 18.87 3.04 -20.42
CA GLU A 97 17.63 3.52 -19.86
C GLU A 97 17.69 3.72 -18.32
N PRO A 98 17.32 4.90 -17.83
CA PRO A 98 17.32 5.21 -16.39
C PRO A 98 16.23 4.39 -15.67
N ASN A 99 16.46 4.07 -14.37
CA ASN A 99 15.51 3.25 -13.54
C ASN A 99 15.13 3.93 -12.21
N VAL A 100 14.23 3.31 -11.43
CA VAL A 100 13.80 3.85 -10.12
C VAL A 100 13.95 2.86 -8.97
N LEU A 101 14.84 3.18 -8.05
CA LEU A 101 15.07 2.33 -6.88
C LEU A 101 13.92 2.50 -5.87
N ILE A 102 13.32 1.39 -5.48
CA ILE A 102 12.23 1.42 -4.57
C ILE A 102 12.60 0.79 -3.25
N CYS A 103 12.48 1.54 -2.16
CA CYS A 103 12.78 1.02 -0.84
C CYS A 103 11.46 0.86 -0.12
N PHE A 104 10.98 -0.37 0.01
CA PHE A 104 9.72 -0.64 0.68
C PHE A 104 9.91 -1.06 2.17
N ILE A 105 9.23 -0.36 3.07
CA ILE A 105 9.26 -0.68 4.50
C ILE A 105 7.91 -1.34 4.83
N ASP A 106 7.91 -2.48 5.50
CA ASP A 106 6.64 -3.19 5.75
C ASP A 106 6.47 -3.77 7.16
N LYS A 107 5.23 -4.01 7.52
CA LYS A 107 4.91 -4.56 8.83
C LYS A 107 5.63 -3.90 10.02
N PHE A 108 5.21 -2.68 10.40
CA PHE A 108 5.80 -1.95 11.52
C PHE A 108 4.88 -0.95 12.15
N THR A 109 5.26 -0.54 13.36
CA THR A 109 4.56 0.45 14.23
C THR A 109 5.54 0.82 15.33
N PRO A 110 5.48 2.05 15.83
CA PRO A 110 4.55 3.10 15.44
C PRO A 110 5.02 3.69 14.09
N PRO A 111 4.17 4.51 13.42
CA PRO A 111 4.46 5.16 12.15
C PRO A 111 5.77 5.92 12.02
N VAL A 112 6.30 6.50 13.09
CA VAL A 112 7.57 7.20 12.97
C VAL A 112 8.61 6.33 12.21
N VAL A 113 9.24 6.91 11.19
CA VAL A 113 10.25 6.20 10.38
C VAL A 113 11.39 7.13 9.96
N ASN A 114 12.51 6.56 9.55
CA ASN A 114 13.58 7.38 9.11
C ASN A 114 14.44 6.74 8.04
N VAL A 115 13.97 6.80 6.80
CA VAL A 115 14.65 6.24 5.64
C VAL A 115 15.69 7.22 5.05
N THR A 116 16.71 6.69 4.39
CA THR A 116 17.74 7.51 3.74
C THR A 116 18.31 6.70 2.59
N TRP A 117 18.63 7.37 1.50
CA TRP A 117 19.24 6.68 0.37
C TRP A 117 20.69 7.14 0.37
N LEU A 118 21.61 6.19 0.31
CA LEU A 118 23.03 6.52 0.31
C LEU A 118 23.64 5.99 -0.97
N ARG A 119 24.15 6.91 -1.80
CA ARG A 119 24.83 6.54 -3.04
C ARG A 119 26.33 6.46 -2.68
N ASN A 120 26.92 5.26 -2.74
CA ASN A 120 28.34 5.08 -2.42
C ASN A 120 28.67 5.70 -1.07
N GLY A 121 27.78 5.49 -0.11
CA GLY A 121 27.99 5.99 1.23
C GLY A 121 27.34 7.30 1.57
N LYS A 122 27.43 8.26 0.65
CA LYS A 122 26.84 9.56 0.89
C LYS A 122 25.39 9.59 0.46
N PRO A 123 24.51 10.22 1.28
CA PRO A 123 23.07 10.33 1.01
C PRO A 123 22.76 11.10 -0.28
N VAL A 124 21.78 10.61 -1.02
CA VAL A 124 21.35 11.23 -2.27
C VAL A 124 19.92 11.69 -2.24
N THR A 125 19.73 12.96 -1.97
CA THR A 125 18.38 13.57 -1.94
C THR A 125 18.03 13.98 -3.38
N THR A 126 18.99 13.76 -4.28
CA THR A 126 18.87 14.10 -5.69
C THR A 126 17.80 13.21 -6.36
N GLY A 127 16.54 13.56 -6.11
CA GLY A 127 15.45 12.85 -6.74
C GLY A 127 14.55 12.05 -5.82
N VAL A 128 14.87 12.07 -4.54
CA VAL A 128 14.09 11.31 -3.60
C VAL A 128 12.61 11.65 -3.60
N SER A 129 11.78 10.62 -3.46
CA SER A 129 10.33 10.74 -3.46
C SER A 129 9.90 9.72 -2.41
N GLU A 130 8.67 9.86 -1.92
CA GLU A 130 8.16 8.94 -0.92
C GLU A 130 6.66 9.00 -0.74
N THR A 131 6.13 8.12 0.10
CA THR A 131 4.72 8.09 0.38
C THR A 131 4.59 8.24 1.92
N VAL A 132 3.35 8.39 2.40
CA VAL A 132 3.07 8.53 3.82
C VAL A 132 2.90 7.10 4.30
N PHE A 133 2.53 6.89 5.55
CA PHE A 133 2.32 5.52 6.04
C PHE A 133 1.00 4.94 5.56
N LEU A 134 1.03 3.76 4.95
CA LEU A 134 -0.16 3.13 4.44
C LEU A 134 -0.60 1.99 5.35
N PRO A 135 -1.89 1.73 5.43
CA PRO A 135 -2.47 0.68 6.28
C PRO A 135 -2.39 -0.70 5.68
N ARG A 136 -2.61 -1.69 6.54
CA ARG A 136 -2.59 -3.12 6.18
C ARG A 136 -3.69 -3.78 7.02
N GLU A 137 -4.32 -4.85 6.51
CA GLU A 137 -5.38 -5.56 7.23
C GLU A 137 -5.00 -5.88 8.67
N ASP A 138 -3.74 -6.20 8.95
CA ASP A 138 -3.30 -6.51 10.31
C ASP A 138 -2.94 -5.23 11.00
N HIS A 139 -3.53 -4.14 10.53
CA HIS A 139 -3.32 -2.80 11.07
C HIS A 139 -1.89 -2.40 11.49
N LEU A 140 -0.92 -2.75 10.65
CA LEU A 140 0.46 -2.35 10.86
C LEU A 140 0.69 -1.35 9.75
N PHE A 141 1.92 -0.97 9.46
CA PHE A 141 2.10 0.03 8.39
C PHE A 141 3.08 -0.30 7.25
N ARG A 142 2.80 0.26 6.06
CA ARG A 142 3.68 0.08 4.87
C ARG A 142 4.19 1.47 4.62
N LYS A 143 5.10 1.61 3.66
CA LYS A 143 5.66 2.92 3.32
C LYS A 143 6.72 2.72 2.23
N PHE A 144 6.67 3.56 1.18
CA PHE A 144 7.62 3.45 0.09
C PHE A 144 8.54 4.63 0.00
N HIS A 145 9.76 4.41 -0.46
CA HIS A 145 10.76 5.43 -0.62
C HIS A 145 11.47 5.23 -1.96
N TYR A 146 11.38 6.23 -2.83
CA TYR A 146 11.93 6.16 -4.16
C TYR A 146 13.21 6.92 -4.41
N LEU A 147 13.95 6.47 -5.42
CA LEU A 147 15.21 7.11 -5.82
C LEU A 147 15.45 6.83 -7.31
N PRO A 148 15.01 7.75 -8.20
CA PRO A 148 15.21 7.57 -9.64
C PRO A 148 16.71 7.62 -9.83
N PHE A 149 17.26 6.63 -10.52
CA PHE A 149 18.71 6.59 -10.68
C PHE A 149 19.05 6.11 -12.08
N LEU A 150 20.26 6.43 -12.49
CA LEU A 150 20.77 6.05 -13.80
C LEU A 150 21.67 4.81 -13.59
N PRO A 151 21.26 3.66 -14.12
CA PRO A 151 22.00 2.40 -14.02
C PRO A 151 23.46 2.62 -14.26
N SER A 152 24.26 2.23 -13.28
CA SER A 152 25.70 2.38 -13.37
C SER A 152 26.35 1.01 -13.12
N THR A 153 27.66 1.03 -12.84
CA THR A 153 28.44 -0.16 -12.60
C THR A 153 29.40 0.17 -11.46
N GLU A 154 29.35 1.41 -10.99
CA GLU A 154 30.24 1.86 -9.92
C GLU A 154 29.51 2.40 -8.72
N ASP A 155 28.21 2.59 -8.84
CA ASP A 155 27.44 3.11 -7.70
C ASP A 155 26.79 1.97 -6.91
N VAL A 156 26.78 2.10 -5.57
CA VAL A 156 26.13 1.10 -4.70
C VAL A 156 25.21 1.88 -3.78
N TYR A 157 23.94 1.51 -3.82
CA TYR A 157 22.93 2.18 -3.05
C TYR A 157 22.49 1.30 -1.92
N ASP A 158 22.13 1.93 -0.80
CA ASP A 158 21.65 1.23 0.39
C ASP A 158 20.53 2.10 0.91
N CYS A 159 19.46 1.47 1.34
CA CYS A 159 18.37 2.23 1.91
C CYS A 159 18.52 2.05 3.43
N ARG A 160 18.93 3.12 4.11
CA ARG A 160 19.13 3.10 5.55
C ARG A 160 17.86 3.53 6.27
N VAL A 161 17.19 2.57 6.90
CA VAL A 161 15.96 2.79 7.64
C VAL A 161 16.19 2.73 9.15
N GLU A 162 15.60 3.67 9.86
CA GLU A 162 15.73 3.73 11.31
C GLU A 162 14.32 3.64 11.90
N HIS A 163 14.21 2.98 13.06
CA HIS A 163 12.93 2.83 13.74
C HIS A 163 13.22 2.63 15.23
N TRP A 164 12.39 3.24 16.09
CA TRP A 164 12.57 3.18 17.54
C TRP A 164 12.89 1.77 17.96
N GLY A 165 12.09 0.83 17.45
CA GLY A 165 12.30 -0.56 17.75
C GLY A 165 13.20 -1.12 16.67
N LEU A 166 14.50 -0.86 16.82
CA LEU A 166 15.49 -1.33 15.86
C LEU A 166 16.89 -0.96 16.38
N ASP A 167 17.58 -1.95 16.91
CA ASP A 167 18.93 -1.79 17.46
C ASP A 167 19.79 -0.80 16.69
N GLU A 168 20.24 -1.18 15.51
CA GLU A 168 21.08 -0.29 14.70
C GLU A 168 20.31 0.09 13.44
N PRO A 169 20.63 1.28 12.84
CA PRO A 169 19.99 1.77 11.61
C PRO A 169 20.27 0.77 10.50
N LEU A 170 19.32 -0.10 10.21
CA LEU A 170 19.52 -1.08 9.18
C LEU A 170 19.63 -0.50 7.77
N LEU A 171 20.74 -0.79 7.10
CA LEU A 171 20.95 -0.36 5.73
C LEU A 171 20.60 -1.54 4.85
N LYS A 172 20.12 -1.30 3.64
CA LYS A 172 19.76 -2.39 2.77
C LYS A 172 20.33 -2.17 1.36
N HIS A 173 21.59 -2.59 1.25
CA HIS A 173 22.40 -2.54 0.06
C HIS A 173 21.75 -3.04 -1.25
N TRP A 174 22.21 -2.43 -2.34
CA TRP A 174 21.79 -2.75 -3.68
C TRP A 174 22.91 -2.27 -4.62
N GLU A 175 23.08 -2.95 -5.76
CA GLU A 175 24.08 -2.61 -6.76
C GLU A 175 23.86 -3.42 -8.02
N PHE A 176 24.13 -2.80 -9.15
CA PHE A 176 23.97 -3.47 -10.43
C PHE A 176 25.06 -4.55 -10.51
N PRO B 1 8.35 6.53 25.65
CA PRO B 1 7.22 5.76 25.13
C PRO B 1 6.29 6.51 24.19
N ARG B 2 5.65 5.75 23.29
CA ARG B 2 4.70 6.28 22.33
C ARG B 2 3.27 5.88 22.64
N PHE B 3 2.32 6.58 22.02
CA PHE B 3 0.91 6.28 22.18
C PHE B 3 0.24 6.63 20.85
N LEU B 4 -0.60 5.72 20.34
CA LEU B 4 -1.27 5.89 19.05
C LEU B 4 -2.73 5.61 19.05
N GLU B 5 -3.47 6.41 18.29
CA GLU B 5 -4.93 6.24 18.13
C GLU B 5 -5.07 6.28 16.60
N TYR B 6 -5.92 5.44 16.06
CA TYR B 6 -6.05 5.28 14.65
C TYR B 6 -7.49 4.86 14.27
N SER B 7 -8.14 5.63 13.40
CA SER B 7 -9.50 5.29 13.01
C SER B 7 -9.50 4.81 11.60
N THR B 8 -10.54 4.06 11.23
CA THR B 8 -10.71 3.46 9.90
C THR B 8 -12.18 3.27 9.51
N SER B 9 -12.59 3.87 8.40
CA SER B 9 -13.97 3.71 7.93
C SER B 9 -13.73 2.88 6.70
N GLU B 10 -14.44 1.77 6.58
CA GLU B 10 -14.22 0.86 5.49
C GLU B 10 -15.48 0.59 4.72
N CYS B 11 -15.34 0.56 3.39
CA CYS B 11 -16.42 0.33 2.45
C CYS B 11 -16.10 -0.88 1.57
N HIS B 12 -16.82 -1.97 1.87
CA HIS B 12 -16.64 -3.24 1.19
C HIS B 12 -17.66 -3.47 0.12
N PHE B 13 -17.21 -3.28 -1.13
CA PHE B 13 -18.06 -3.46 -2.30
C PHE B 13 -18.07 -4.87 -2.86
N PHE B 14 -19.18 -5.57 -2.68
CA PHE B 14 -19.28 -6.94 -3.17
C PHE B 14 -20.02 -6.90 -4.50
N ASN B 15 -19.33 -7.26 -5.57
CA ASN B 15 -19.89 -7.24 -6.93
C ASN B 15 -20.36 -5.85 -7.29
N GLY B 16 -19.40 -4.96 -7.49
CA GLY B 16 -19.71 -3.59 -7.83
C GLY B 16 -20.26 -2.91 -6.60
N THR B 17 -21.35 -2.17 -6.79
CA THR B 17 -21.97 -1.47 -5.68
C THR B 17 -23.26 -2.18 -5.27
N GLU B 18 -23.40 -3.44 -5.73
CA GLU B 18 -24.57 -4.26 -5.41
C GLU B 18 -24.71 -4.25 -3.89
N ARG B 19 -23.80 -4.93 -3.19
CA ARG B 19 -23.81 -4.98 -1.72
C ARG B 19 -22.60 -4.22 -1.18
N VAL B 20 -22.84 -3.45 -0.13
CA VAL B 20 -21.78 -2.69 0.49
C VAL B 20 -21.73 -3.00 2.00
N ARG B 21 -20.54 -2.88 2.59
CA ARG B 21 -20.37 -3.13 4.02
C ARG B 21 -19.49 -2.07 4.64
N TYR B 22 -20.12 -1.16 5.40
CA TYR B 22 -19.39 -0.09 6.05
C TYR B 22 -18.90 -0.61 7.41
N LEU B 23 -17.69 -0.23 7.81
CA LEU B 23 -17.12 -0.67 9.07
C LEU B 23 -16.38 0.51 9.70
N ASP B 24 -16.77 0.92 10.90
CA ASP B 24 -16.11 2.04 11.52
C ASP B 24 -15.26 1.50 12.71
N ARG B 25 -13.99 1.35 12.49
CA ARG B 25 -13.09 0.80 13.47
C ARG B 25 -12.31 1.88 14.21
N TYR B 26 -12.11 1.64 15.51
CA TYR B 26 -11.38 2.50 16.41
C TYR B 26 -10.30 1.62 17.00
N PHE B 27 -9.05 2.04 16.84
CA PHE B 27 -7.94 1.26 17.31
C PHE B 27 -7.03 2.01 18.30
N HIS B 28 -6.76 1.69 19.40
CA HIS B 28 -5.74 2.35 20.23
C HIS B 28 -4.57 1.41 20.37
N ASN B 29 -3.37 1.91 20.15
CA ASN B 29 -2.14 1.11 20.27
C ASN B 29 -2.19 -0.30 19.73
N GLN B 30 -2.53 -0.44 18.44
CA GLN B 30 -2.61 -1.77 17.76
C GLN B 30 -3.81 -2.64 18.22
N GLU B 31 -4.53 -2.20 19.23
CA GLU B 31 -5.66 -2.94 19.69
C GLU B 31 -6.91 -2.22 19.22
N GLU B 32 -7.79 -2.95 18.57
CA GLU B 32 -9.05 -2.35 18.12
C GLU B 32 -9.91 -2.36 19.33
N ASN B 33 -10.64 -1.30 19.60
CA ASN B 33 -11.46 -1.30 20.80
C ASN B 33 -12.95 -1.29 20.56
N VAL B 34 -13.39 -0.55 19.56
CA VAL B 34 -14.83 -0.47 19.24
C VAL B 34 -15.01 -0.56 17.73
N ARG B 35 -16.24 -0.84 17.30
CA ARG B 35 -16.48 -0.92 15.89
C ARG B 35 -17.94 -0.86 15.52
N PHE B 36 -18.23 -0.14 14.43
CA PHE B 36 -19.59 -0.04 13.89
C PHE B 36 -19.63 -0.81 12.59
N ASP B 37 -20.30 -1.96 12.64
CA ASP B 37 -20.42 -2.86 11.49
C ASP B 37 -21.79 -2.66 10.87
N SER B 38 -21.79 -2.27 9.60
CA SER B 38 -23.03 -2.02 8.88
C SER B 38 -23.98 -3.20 8.98
N ASP B 39 -23.45 -4.41 8.81
CA ASP B 39 -24.28 -5.63 8.88
C ASP B 39 -24.90 -5.85 10.23
N VAL B 40 -24.37 -5.20 11.26
CA VAL B 40 -24.94 -5.34 12.59
C VAL B 40 -25.95 -4.20 12.85
N GLY B 41 -25.55 -2.96 12.58
CA GLY B 41 -26.43 -1.83 12.79
C GLY B 41 -26.25 -1.12 14.12
N GLU B 42 -25.39 -1.64 14.98
CA GLU B 42 -25.17 -1.05 16.29
C GLU B 42 -23.69 -1.16 16.69
N PHE B 43 -23.24 -0.22 17.51
CA PHE B 43 -21.86 -0.23 17.96
C PHE B 43 -21.61 -1.41 18.86
N ARG B 44 -20.56 -2.16 18.56
CA ARG B 44 -20.19 -3.32 19.36
C ARG B 44 -18.72 -3.16 19.78
N ALA B 45 -18.46 -3.33 21.07
CA ALA B 45 -17.13 -3.21 21.57
C ALA B 45 -16.40 -4.52 21.37
N VAL B 46 -15.20 -4.45 20.82
CA VAL B 46 -14.42 -5.67 20.59
C VAL B 46 -13.68 -6.07 21.87
N THR B 47 -13.14 -5.06 22.59
CA THR B 47 -12.44 -5.31 23.81
C THR B 47 -13.23 -4.65 24.90
N GLU B 48 -12.95 -5.01 26.14
CA GLU B 48 -13.67 -4.42 27.26
C GLU B 48 -13.31 -2.96 27.52
N LEU B 49 -12.26 -2.47 26.86
CA LEU B 49 -11.84 -1.05 27.01
C LEU B 49 -12.73 -0.16 26.13
N GLY B 50 -13.23 -0.72 25.05
CA GLY B 50 -14.07 0.02 24.15
C GLY B 50 -15.55 -0.13 24.35
N ARG B 51 -15.94 -0.71 25.47
CA ARG B 51 -17.36 -0.85 25.70
C ARG B 51 -18.05 0.41 26.24
N PRO B 52 -17.33 1.27 27.00
CA PRO B 52 -18.01 2.48 27.50
C PRO B 52 -18.52 3.34 26.35
N ASP B 53 -17.77 3.33 25.23
CA ASP B 53 -18.06 4.06 24.03
C ASP B 53 -19.20 3.47 23.29
N ALA B 54 -19.10 2.23 22.84
CA ALA B 54 -20.24 1.61 22.12
C ALA B 54 -21.52 1.79 22.92
N GLU B 55 -21.41 1.59 24.23
CA GLU B 55 -22.54 1.72 25.14
C GLU B 55 -23.19 3.09 24.93
N TYR B 56 -22.39 4.16 25.05
CA TYR B 56 -22.89 5.52 24.88
C TYR B 56 -23.34 5.82 23.48
N TRP B 57 -22.45 5.65 22.52
CA TRP B 57 -22.79 5.94 21.14
C TRP B 57 -24.05 5.26 20.74
N ASN B 58 -24.38 4.15 21.41
CA ASN B 58 -25.61 3.41 21.08
C ASN B 58 -26.88 4.11 21.62
N SER B 59 -26.73 4.77 22.77
CA SER B 59 -27.85 5.45 23.37
C SER B 59 -28.22 6.60 22.46
N GLN B 60 -27.21 7.29 21.94
CA GLN B 60 -27.45 8.42 21.03
C GLN B 60 -27.96 7.89 19.72
N LYS B 61 -29.24 8.08 19.45
CA LYS B 61 -29.86 7.61 18.19
C LYS B 61 -29.36 8.43 17.04
N ASP B 62 -29.09 9.72 17.31
CA ASP B 62 -28.57 10.64 16.29
C ASP B 62 -27.22 10.12 15.71
N LEU B 63 -26.36 9.62 16.61
CA LEU B 63 -25.10 9.06 16.19
C LEU B 63 -25.33 7.80 15.39
N LEU B 64 -26.32 7.01 15.80
CA LEU B 64 -26.59 5.74 15.12
C LEU B 64 -26.91 5.85 13.65
N GLU B 65 -28.04 6.48 13.32
CA GLU B 65 -28.43 6.64 11.89
C GLU B 65 -27.38 7.42 11.14
N GLN B 66 -26.66 8.28 11.86
CA GLN B 66 -25.60 9.06 11.29
C GLN B 66 -24.62 8.12 10.63
N LYS B 67 -24.19 7.11 11.37
CA LYS B 67 -23.25 6.09 10.87
C LYS B 67 -23.97 5.12 9.96
N ARG B 68 -25.23 4.87 10.25
CA ARG B 68 -26.00 3.93 9.45
C ARG B 68 -26.17 4.36 7.98
N GLY B 69 -26.32 5.65 7.74
CA GLY B 69 -26.49 6.09 6.36
C GLY B 69 -25.20 6.07 5.55
N ARG B 70 -24.07 5.80 6.21
CA ARG B 70 -22.80 5.83 5.55
C ARG B 70 -22.59 4.78 4.47
N VAL B 71 -23.44 3.77 4.43
CA VAL B 71 -23.34 2.75 3.37
C VAL B 71 -23.69 3.42 2.03
N ASP B 72 -24.51 4.49 2.11
CA ASP B 72 -24.92 5.25 0.92
C ASP B 72 -24.25 6.62 0.88
N ASN B 73 -24.38 7.36 1.98
CA ASN B 73 -23.80 8.70 2.09
C ASN B 73 -22.34 8.75 1.71
N TYR B 74 -21.64 7.72 2.13
CA TYR B 74 -20.22 7.69 1.97
C TYR B 74 -19.67 6.51 1.16
N CYS B 75 -20.12 5.29 1.45
CA CYS B 75 -19.59 4.13 0.75
C CYS B 75 -19.91 4.16 -0.70
N ARG B 76 -21.18 3.97 -1.04
CA ARG B 76 -21.62 4.00 -2.44
C ARG B 76 -21.31 5.34 -3.19
N HIS B 77 -21.36 6.44 -2.47
CA HIS B 77 -21.05 7.72 -3.04
C HIS B 77 -19.63 7.73 -3.59
N ASN B 78 -18.65 7.61 -2.68
CA ASN B 78 -17.22 7.60 -3.02
C ASN B 78 -16.84 6.54 -4.08
N TYR B 79 -17.55 5.43 -4.10
CA TYR B 79 -17.29 4.39 -5.08
C TYR B 79 -17.53 5.05 -6.43
N GLY B 80 -18.76 5.53 -6.63
CA GLY B 80 -19.11 6.16 -7.88
C GLY B 80 -18.30 7.40 -8.29
N VAL B 81 -17.71 8.07 -7.31
CA VAL B 81 -16.90 9.26 -7.55
C VAL B 81 -15.53 8.86 -8.05
N VAL B 82 -15.03 7.75 -7.52
CA VAL B 82 -13.67 7.24 -7.85
C VAL B 82 -13.62 6.04 -8.81
N GLU B 83 -14.75 5.36 -9.03
CA GLU B 83 -14.76 4.20 -9.90
C GLU B 83 -13.99 4.39 -11.19
N SER B 84 -14.08 5.57 -11.75
CA SER B 84 -13.38 5.93 -12.99
C SER B 84 -11.87 5.64 -12.97
N PHE B 85 -11.12 6.43 -12.21
CA PHE B 85 -9.67 6.30 -12.10
C PHE B 85 -9.10 5.15 -11.21
N THR B 86 -9.98 4.40 -10.59
CA THR B 86 -9.52 3.32 -9.75
C THR B 86 -10.06 1.99 -10.26
N VAL B 87 -11.35 1.75 -10.01
CA VAL B 87 -12.02 0.52 -10.44
C VAL B 87 -11.84 0.21 -11.92
N GLN B 88 -11.69 1.21 -12.75
CA GLN B 88 -11.51 1.03 -14.19
C GLN B 88 -10.08 1.32 -14.66
N ARG B 89 -9.13 1.33 -13.74
CA ARG B 89 -7.75 1.57 -14.13
C ARG B 89 -7.22 0.30 -14.75
N ARG B 90 -6.54 0.47 -15.89
CA ARG B 90 -5.90 -0.64 -16.62
C ARG B 90 -4.56 -0.10 -17.12
N VAL B 91 -3.46 -0.70 -16.73
CA VAL B 91 -2.16 -0.24 -17.18
C VAL B 91 -1.39 -1.38 -17.76
N HIS B 92 -0.82 -1.15 -18.94
CA HIS B 92 -0.04 -2.13 -19.71
C HIS B 92 1.17 -2.73 -19.02
N PRO B 93 1.20 -4.06 -18.92
CA PRO B 93 2.33 -4.76 -18.30
C PRO B 93 3.50 -4.78 -19.30
N LYS B 94 4.73 -4.77 -18.79
CA LYS B 94 5.90 -4.80 -19.62
C LYS B 94 6.63 -6.09 -19.32
N VAL B 95 6.59 -7.03 -20.27
CA VAL B 95 7.25 -8.33 -20.15
C VAL B 95 8.70 -8.29 -20.62
N THR B 96 9.60 -8.93 -19.86
CA THR B 96 11.03 -8.95 -20.21
C THR B 96 11.64 -10.25 -19.74
N VAL B 97 11.91 -11.16 -20.68
CA VAL B 97 12.55 -12.45 -20.36
C VAL B 97 14.07 -12.33 -20.41
N TYR B 98 14.75 -12.83 -19.39
CA TYR B 98 16.19 -12.79 -19.37
C TYR B 98 16.81 -13.77 -18.40
N PRO B 99 17.97 -14.34 -18.75
CA PRO B 99 18.65 -15.31 -17.87
C PRO B 99 19.34 -14.59 -16.73
N SER B 100 19.09 -15.09 -15.51
CA SER B 100 19.65 -14.49 -14.31
C SER B 100 21.14 -14.77 -14.23
N LYS B 101 21.60 -15.74 -15.01
CA LYS B 101 23.02 -16.10 -14.99
C LYS B 101 23.54 -16.36 -16.41
N THR B 102 24.74 -15.85 -16.65
CA THR B 102 25.44 -16.05 -17.93
C THR B 102 26.11 -17.42 -17.78
N GLN B 103 25.33 -18.50 -17.94
CA GLN B 103 25.83 -19.84 -17.80
C GLN B 103 26.33 -20.44 -19.11
N PRO B 104 27.02 -21.60 -19.05
CA PRO B 104 27.57 -22.31 -20.21
C PRO B 104 26.47 -22.73 -21.18
N LEU B 105 26.87 -23.31 -22.31
CA LEU B 105 25.93 -23.78 -23.33
C LEU B 105 24.77 -24.57 -22.72
N GLN B 106 25.05 -25.31 -21.62
CA GLN B 106 24.05 -26.11 -20.92
C GLN B 106 24.47 -26.30 -19.46
N HIS B 107 23.68 -25.72 -18.55
CA HIS B 107 23.96 -25.81 -17.10
C HIS B 107 22.68 -25.35 -16.37
N HIS B 108 22.63 -25.51 -15.06
CA HIS B 108 21.46 -25.13 -14.25
C HIS B 108 21.12 -23.63 -14.30
N ASN B 109 20.25 -23.24 -15.24
CA ASN B 109 19.89 -21.83 -15.41
C ASN B 109 18.49 -21.42 -15.00
N LEU B 110 18.35 -20.16 -14.57
CA LEU B 110 17.07 -19.60 -14.16
C LEU B 110 16.70 -18.52 -15.14
N LEU B 111 15.58 -18.70 -15.82
CA LEU B 111 15.09 -17.71 -16.77
C LEU B 111 14.05 -16.78 -16.15
N VAL B 112 14.47 -15.57 -15.81
CA VAL B 112 13.61 -14.57 -15.21
C VAL B 112 12.71 -13.88 -16.20
N CYS B 113 11.39 -13.91 -15.96
CA CYS B 113 10.43 -13.25 -16.83
C CYS B 113 9.79 -12.18 -15.97
N SER B 114 10.31 -10.96 -16.05
CA SER B 114 9.78 -9.87 -15.26
C SER B 114 8.63 -9.10 -15.88
N VAL B 115 7.43 -9.29 -15.32
CA VAL B 115 6.22 -8.59 -15.76
C VAL B 115 6.05 -7.35 -14.87
N SER B 116 6.12 -6.16 -15.43
CA SER B 116 6.00 -4.97 -14.63
C SER B 116 4.99 -3.94 -15.15
N GLY B 117 4.69 -2.96 -14.31
CA GLY B 117 3.78 -1.89 -14.63
C GLY B 117 2.29 -2.15 -14.62
N PHE B 118 1.85 -3.37 -14.79
CA PHE B 118 0.41 -3.61 -14.83
C PHE B 118 -0.46 -3.11 -13.65
N TYR B 119 -1.78 -3.13 -13.89
CA TYR B 119 -2.83 -2.74 -12.93
C TYR B 119 -4.10 -3.07 -13.68
N PRO B 120 -5.04 -3.79 -13.04
CA PRO B 120 -5.05 -4.36 -11.69
C PRO B 120 -4.00 -5.43 -11.41
N GLY B 121 -4.08 -6.07 -10.25
CA GLY B 121 -3.13 -7.09 -9.89
C GLY B 121 -3.41 -8.37 -10.61
N SER B 122 -4.67 -8.65 -10.85
CA SER B 122 -5.06 -9.89 -11.55
C SER B 122 -4.28 -10.07 -12.85
N ILE B 123 -3.61 -11.22 -12.98
CA ILE B 123 -2.79 -11.52 -14.15
C ILE B 123 -2.41 -13.02 -14.22
N GLU B 124 -1.88 -13.45 -15.35
CA GLU B 124 -1.44 -14.83 -15.59
C GLU B 124 -0.12 -14.70 -16.30
N VAL B 125 0.88 -15.47 -15.89
CA VAL B 125 2.19 -15.44 -16.54
C VAL B 125 2.66 -16.87 -16.70
N ARG B 126 2.43 -17.44 -17.88
CA ARG B 126 2.82 -18.83 -18.12
C ARG B 126 4.15 -19.07 -18.85
N TRP B 127 4.86 -20.12 -18.43
CA TRP B 127 6.15 -20.50 -19.00
C TRP B 127 6.01 -21.69 -19.97
N PHE B 128 6.75 -21.66 -21.07
CA PHE B 128 6.69 -22.71 -22.05
C PHE B 128 8.08 -22.96 -22.62
N ARG B 129 8.28 -24.16 -23.12
CA ARG B 129 9.56 -24.55 -23.71
C ARG B 129 9.20 -25.39 -24.94
N ASN B 130 9.66 -24.94 -26.09
CA ASN B 130 9.42 -25.64 -27.35
C ASN B 130 7.96 -26.00 -27.55
N GLY B 131 7.05 -25.31 -26.87
CA GLY B 131 5.65 -25.62 -27.04
C GLY B 131 5.00 -26.22 -25.82
N GLN B 132 5.77 -26.90 -24.98
CA GLN B 132 5.24 -27.52 -23.75
C GLN B 132 5.20 -26.54 -22.58
N GLU B 133 4.09 -26.53 -21.84
CA GLU B 133 3.94 -25.63 -20.69
C GLU B 133 4.74 -26.07 -19.44
N GLU B 134 5.97 -25.58 -19.30
CA GLU B 134 6.83 -25.92 -18.18
C GLU B 134 6.28 -25.53 -16.81
N LYS B 135 5.52 -26.44 -16.21
CA LYS B 135 4.91 -26.24 -14.89
C LYS B 135 5.85 -26.59 -13.75
N THR B 136 6.63 -27.64 -13.97
CA THR B 136 7.57 -28.20 -13.00
C THR B 136 8.61 -27.30 -12.29
N GLY B 137 8.86 -26.08 -12.75
CA GLY B 137 9.87 -25.28 -12.05
C GLY B 137 9.81 -23.76 -12.07
N VAL B 138 8.63 -23.21 -11.85
CA VAL B 138 8.47 -21.77 -11.86
C VAL B 138 8.80 -21.27 -10.44
N VAL B 139 9.36 -20.08 -10.34
CA VAL B 139 9.70 -19.51 -9.05
C VAL B 139 9.35 -18.02 -9.05
N SER B 140 8.05 -17.76 -8.89
CA SER B 140 7.48 -16.41 -8.86
C SER B 140 7.70 -15.70 -7.56
N THR B 141 7.53 -14.38 -7.60
CA THR B 141 7.66 -13.55 -6.40
C THR B 141 6.29 -13.16 -5.93
N GLY B 142 5.33 -13.28 -6.83
CA GLY B 142 3.97 -12.92 -6.52
C GLY B 142 3.77 -11.43 -6.82
N LEU B 143 2.55 -10.96 -6.64
CA LEU B 143 2.27 -9.58 -6.87
C LEU B 143 3.11 -8.76 -5.94
N ILE B 144 3.54 -7.59 -6.38
CA ILE B 144 4.36 -6.70 -5.57
C ILE B 144 3.88 -5.30 -5.85
N HIS B 145 3.24 -4.70 -4.86
CA HIS B 145 2.77 -3.31 -5.01
C HIS B 145 3.99 -2.39 -5.11
N ASN B 146 4.03 -1.50 -6.09
CA ASN B 146 5.17 -0.61 -6.20
C ASN B 146 4.91 0.69 -5.55
N GLY B 147 3.70 0.83 -5.02
CA GLY B 147 3.32 2.09 -4.37
C GLY B 147 2.77 3.22 -5.27
N ASP B 148 3.16 3.21 -6.53
CA ASP B 148 2.74 4.17 -7.49
C ASP B 148 1.61 3.66 -8.38
N TRP B 149 0.72 2.89 -7.81
CA TRP B 149 -0.41 2.33 -8.54
C TRP B 149 -0.10 1.34 -9.68
N THR B 150 1.04 0.66 -9.61
CA THR B 150 1.43 -0.34 -10.62
C THR B 150 2.11 -1.47 -9.90
N PHE B 151 1.85 -2.69 -10.34
CA PHE B 151 2.47 -3.90 -9.78
C PHE B 151 3.63 -4.41 -10.64
N GLN B 152 4.18 -5.54 -10.24
CA GLN B 152 5.24 -6.21 -10.96
C GLN B 152 5.29 -7.63 -10.43
N THR B 153 6.01 -8.51 -11.11
CA THR B 153 6.14 -9.91 -10.68
C THR B 153 7.24 -10.55 -11.50
N LEU B 154 8.11 -11.31 -10.83
CA LEU B 154 9.23 -12.02 -11.48
C LEU B 154 9.02 -13.55 -11.39
N VAL B 155 8.50 -14.13 -12.47
CA VAL B 155 8.27 -15.55 -12.53
C VAL B 155 9.38 -16.25 -13.31
N MET B 156 10.40 -16.71 -12.57
CA MET B 156 11.54 -17.42 -13.11
C MET B 156 11.23 -18.86 -13.49
N LEU B 157 12.06 -19.45 -14.35
CA LEU B 157 11.90 -20.85 -14.77
C LEU B 157 13.26 -21.46 -14.67
N GLU B 158 13.43 -22.34 -13.69
CA GLU B 158 14.70 -23.02 -13.50
C GLU B 158 14.79 -24.08 -14.58
N THR B 159 15.58 -23.81 -15.62
CA THR B 159 15.76 -24.74 -16.73
C THR B 159 17.13 -24.65 -17.34
N VAL B 160 17.70 -25.84 -17.61
CA VAL B 160 19.00 -25.99 -18.25
C VAL B 160 18.74 -25.83 -19.76
N PRO B 161 19.00 -24.64 -20.32
CA PRO B 161 18.74 -24.42 -21.74
C PRO B 161 19.58 -25.31 -22.63
N ARG B 162 18.93 -26.14 -23.44
CA ARG B 162 19.69 -27.00 -24.36
C ARG B 162 20.01 -26.08 -25.55
N SER B 163 21.26 -26.11 -26.01
CA SER B 163 21.69 -25.25 -27.12
C SER B 163 20.95 -25.54 -28.44
N GLY B 164 19.65 -25.22 -28.49
CA GLY B 164 18.88 -25.45 -29.68
C GLY B 164 17.40 -25.48 -29.40
N GLU B 165 16.96 -24.68 -28.42
CA GLU B 165 15.53 -24.61 -28.05
C GLU B 165 15.13 -23.23 -27.56
N VAL B 166 13.85 -22.92 -27.69
CA VAL B 166 13.31 -21.61 -27.32
C VAL B 166 12.31 -21.62 -26.18
N TYR B 167 12.43 -20.63 -25.29
CA TYR B 167 11.52 -20.49 -24.14
C TYR B 167 10.56 -19.29 -24.31
N THR B 168 9.28 -19.51 -24.07
CA THR B 168 8.34 -18.44 -24.22
C THR B 168 7.52 -18.13 -22.94
N CYS B 169 7.39 -16.85 -22.59
CA CYS B 169 6.63 -16.40 -21.43
C CYS B 169 5.39 -15.66 -21.96
N GLN B 170 4.27 -16.36 -22.08
CA GLN B 170 3.03 -15.79 -22.55
C GLN B 170 2.28 -15.20 -21.34
N VAL B 171 2.10 -13.86 -21.37
CA VAL B 171 1.40 -13.10 -20.31
C VAL B 171 0.01 -12.64 -20.71
N GLU B 172 -0.94 -12.79 -19.82
CA GLU B 172 -2.31 -12.39 -20.05
C GLU B 172 -2.75 -11.52 -18.86
N HIS B 173 -3.29 -10.33 -19.17
CA HIS B 173 -3.71 -9.34 -18.19
C HIS B 173 -4.93 -8.64 -18.69
N PRO B 174 -5.86 -8.21 -17.80
CA PRO B 174 -7.09 -7.52 -18.19
C PRO B 174 -6.96 -6.26 -19.07
N SER B 175 -5.85 -5.55 -18.91
CA SER B 175 -5.63 -4.32 -19.67
C SER B 175 -5.40 -4.57 -21.16
N VAL B 176 -5.06 -5.81 -21.51
CA VAL B 176 -4.77 -6.17 -22.91
C VAL B 176 -5.86 -7.01 -23.54
N THR B 177 -6.08 -6.82 -24.83
CA THR B 177 -7.11 -7.56 -25.60
C THR B 177 -6.57 -8.91 -26.08
N SER B 178 -5.25 -9.08 -25.93
CA SER B 178 -4.55 -10.29 -26.31
C SER B 178 -3.33 -10.40 -25.41
N PRO B 179 -2.75 -11.59 -25.28
CA PRO B 179 -1.56 -11.79 -24.43
C PRO B 179 -0.26 -11.19 -24.94
N LEU B 180 0.55 -10.70 -24.04
CA LEU B 180 1.85 -10.15 -24.40
C LEU B 180 2.77 -11.34 -24.30
N THR B 181 3.63 -11.53 -25.29
CA THR B 181 4.55 -12.68 -25.26
C THR B 181 5.97 -12.33 -25.59
N VAL B 182 6.88 -13.10 -25.02
CA VAL B 182 8.31 -12.90 -25.25
C VAL B 182 8.93 -14.26 -25.42
N GLU B 183 9.58 -14.50 -26.56
CA GLU B 183 10.25 -15.76 -26.84
C GLU B 183 11.71 -15.55 -26.51
N TRP B 184 12.37 -16.61 -26.07
CA TRP B 184 13.77 -16.51 -25.72
C TRP B 184 14.49 -17.78 -26.18
N ARG B 185 15.15 -17.69 -27.33
CA ARG B 185 15.90 -18.83 -27.89
C ARG B 185 17.25 -18.96 -27.15
N ALA B 186 17.63 -20.19 -26.84
CA ALA B 186 18.89 -20.45 -26.13
C ALA B 186 20.08 -19.70 -26.73
N ARG B 187 20.75 -18.91 -25.90
CA ARG B 187 21.91 -18.11 -26.28
C ARG B 187 22.94 -18.92 -27.08
N PRO C 1 -18.72 19.88 -13.53
CA PRO C 1 -18.86 19.69 -12.07
C PRO C 1 -17.94 18.57 -11.55
N VAL C 2 -16.84 18.98 -10.91
CA VAL C 2 -15.86 18.05 -10.35
C VAL C 2 -16.42 17.37 -9.11
N SER C 3 -16.63 16.06 -9.17
CA SER C 3 -17.19 15.33 -8.04
C SER C 3 -16.35 15.44 -6.77
N LYS C 4 -17.01 15.36 -5.62
CA LYS C 4 -16.36 15.46 -4.32
C LYS C 4 -16.39 14.14 -3.56
N MET C 5 -15.34 13.90 -2.77
CA MET C 5 -15.23 12.69 -1.93
C MET C 5 -15.62 12.98 -0.49
N ARG C 6 -16.59 12.22 0.04
CA ARG C 6 -17.04 12.44 1.42
C ARG C 6 -16.22 11.64 2.40
N MET C 7 -15.88 12.28 3.51
CA MET C 7 -15.09 11.65 4.57
C MET C 7 -16.00 11.36 5.71
N ALA C 8 -15.79 10.25 6.38
CA ALA C 8 -16.61 9.88 7.53
C ALA C 8 -15.87 10.53 8.69
N THR C 9 -16.56 10.69 9.83
CA THR C 9 -15.88 11.27 10.97
C THR C 9 -15.93 10.33 12.19
N PRO C 10 -14.76 10.16 12.86
CA PRO C 10 -14.71 9.30 14.01
C PRO C 10 -15.42 9.91 15.20
N LEU C 11 -16.35 9.14 15.76
CA LEU C 11 -17.08 9.55 16.94
C LEU C 11 -16.12 9.77 18.10
N LEU C 12 -16.46 10.73 18.96
CA LEU C 12 -15.63 11.08 20.11
C LEU C 12 -16.00 10.12 21.21
N MET C 13 -15.00 9.61 21.92
CA MET C 13 -15.20 8.68 23.01
C MET C 13 -15.53 9.43 24.26
N GLN C 14 -16.19 8.79 25.22
CA GLN C 14 -16.53 9.50 26.44
C GLN C 14 -15.39 9.46 27.42
N ALA C 15 -15.43 10.33 28.42
CA ALA C 15 -14.40 10.38 29.44
C ALA C 15 -15.02 10.21 30.84
C1 NAG D . -1.42 1.07 35.92
C2 NAG D . -2.27 -0.21 35.91
C3 NAG D . -2.16 -0.94 37.25
C4 NAG D . -0.69 -1.15 37.60
C5 NAG D . 0.05 0.17 37.57
C6 NAG D . 1.54 0.02 37.87
C7 NAG D . -4.65 -0.06 36.51
C8 NAG D . -6.06 0.34 36.06
N2 NAG D . -3.66 0.12 35.61
O3 NAG D . -2.81 -2.21 37.15
O4 NAG D . -0.58 -1.76 38.89
O5 NAG D . -0.06 0.77 36.27
O6 NAG D . 2.33 0.64 36.86
O7 NAG D . -4.51 -0.54 37.64
C1 NAG E . 15.78 10.10 12.17
C2 NAG E . 16.71 11.07 11.41
C3 NAG E . 17.90 11.49 12.30
C4 NAG E . 17.37 12.06 13.61
C5 NAG E . 16.57 10.95 14.29
C6 NAG E . 16.04 11.34 15.65
C7 NAG E . 17.07 11.00 9.02
C8 NAG E . 17.65 10.26 7.83
N2 NAG E . 17.23 10.43 10.21
O3 NAG E . 18.70 12.46 11.62
O4 NAG E . 18.44 12.49 14.44
O5 NAG E . 15.42 10.60 13.47
O6 NAG E . 15.71 10.19 16.43
O7 NAG E . 16.44 12.06 8.87
#